data_5FOV
#
_entry.id   5FOV
#
_cell.length_a   40.334
_cell.length_b   87.233
_cell.length_c   61.543
_cell.angle_alpha   90.00
_cell.angle_beta   92.31
_cell.angle_gamma   90.00
#
_symmetry.space_group_name_H-M   'P 1 21 1'
#
loop_
_entity.id
_entity.type
_entity.pdbx_description
1 polymer 'DNA repair and recombination protein RadA'
2 polymer 'FHTG PEPTIDE'
3 non-polymer 'PHOSPHATE ION'
4 non-polymer GLYCEROL
5 water water
#
loop_
_entity_poly.entity_id
_entity_poly.type
_entity_poly.pdbx_seq_one_letter_code
_entity_poly.pdbx_strand_id
1 'polypeptide(L)'
;MATIGRISTGSKSLDKLLGGGIETQAITEVFGEFGSGKTQLAHTLAVMVQLPPEEGGLNGSVMWIDTENTFRPERIREIA
QNRGLDPDEVLKHIAYARAFNSNHQMLLVQQAEDMIKELLNTDRPVKLLIVDSLTSHFRSEYIGRGALAERQQKLAKHLA
DLHRLANLYDIAVFVTNQVQANGGHILAHSATLRVYLRKGKGGKRIARLIDAPHLPEGEAVFSITEKGIED
;
A,C
2 'polypeptide(L)' (ACE)FHTG(NH2) E,F
#
# COMPACT_ATOMS: atom_id res chain seq x y z
N ALA A 2 12.98 14.31 -33.33
CA ALA A 2 13.36 14.99 -32.09
C ALA A 2 14.65 14.42 -31.52
N THR A 3 15.44 15.28 -30.90
CA THR A 3 16.63 14.86 -30.16
C THR A 3 16.18 13.95 -29.01
N ILE A 4 16.95 12.91 -28.71
CA ILE A 4 16.56 12.07 -27.59
C ILE A 4 16.96 12.72 -26.25
N GLY A 5 16.20 12.43 -25.21
CA GLY A 5 16.54 12.89 -23.88
C GLY A 5 17.17 11.75 -23.08
N ARG A 6 17.87 12.08 -22.01
CA ARG A 6 18.50 11.06 -21.18
C ARG A 6 18.20 11.28 -19.69
N ILE A 7 17.63 10.26 -19.05
CA ILE A 7 17.27 10.35 -17.64
C ILE A 7 18.35 9.73 -16.77
N SER A 8 18.94 10.52 -15.88
CA SER A 8 19.96 9.99 -14.96
C SER A 8 19.36 8.96 -14.00
N THR A 9 20.13 7.93 -13.68
CA THR A 9 19.67 6.88 -12.78
C THR A 9 19.91 7.21 -11.31
N GLY A 10 20.81 8.14 -11.06
CA GLY A 10 21.23 8.48 -9.70
C GLY A 10 22.61 7.93 -9.43
N SER A 11 23.02 6.97 -10.27
CA SER A 11 24.32 6.34 -10.20
C SER A 11 25.22 6.83 -11.33
N LYS A 12 26.37 7.41 -11.00
CA LYS A 12 27.28 7.88 -12.03
C LYS A 12 27.85 6.70 -12.82
N SER A 13 28.09 5.60 -12.13
CA SER A 13 28.57 4.37 -12.76
C SER A 13 27.56 3.86 -13.79
N LEU A 14 26.32 3.69 -13.36
CA LEU A 14 25.29 3.22 -14.27
C LEU A 14 25.04 4.22 -15.39
N ASP A 15 25.08 5.52 -15.05
CA ASP A 15 24.89 6.56 -16.06
C ASP A 15 25.93 6.46 -17.17
N LYS A 16 27.18 6.22 -16.79
CA LYS A 16 28.26 6.09 -17.78
C LYS A 16 28.01 4.86 -18.66
N LEU A 17 27.63 3.76 -18.03
CA LEU A 17 27.31 2.54 -18.77
C LEU A 17 26.21 2.82 -19.79
N LEU A 18 25.23 3.63 -19.42
CA LEU A 18 24.10 3.93 -20.29
C LEU A 18 24.35 5.10 -21.23
N GLY A 19 25.55 5.69 -21.18
CA GLY A 19 25.86 6.84 -22.02
C GLY A 19 25.20 8.15 -21.62
N GLY A 20 24.86 8.30 -20.34
CA GLY A 20 24.29 9.54 -19.84
C GLY A 20 23.01 9.28 -19.06
N GLY A 21 22.31 8.22 -19.44
CA GLY A 21 21.12 7.80 -18.75
C GLY A 21 20.21 6.97 -19.64
N ILE A 22 19.04 6.59 -19.15
N ILE A 22 19.02 6.65 -19.13
CA ILE A 22 18.14 5.85 -20.04
CA ILE A 22 17.98 5.98 -19.89
C ILE A 22 17.50 6.82 -21.01
C ILE A 22 17.45 6.89 -21.02
N GLU A 23 17.34 6.36 -22.24
CA GLU A 23 16.94 7.21 -23.36
C GLU A 23 15.43 7.28 -23.58
N THR A 24 14.95 8.46 -24.00
CA THR A 24 13.62 8.51 -24.61
C THR A 24 13.71 7.89 -26.01
N GLN A 25 12.55 7.59 -26.60
CA GLN A 25 12.45 6.99 -27.93
C GLN A 25 13.13 5.63 -27.92
N ALA A 26 13.08 4.98 -26.77
CA ALA A 26 13.67 3.67 -26.58
C ALA A 26 12.97 2.90 -25.47
N ILE A 27 13.00 1.57 -25.57
CA ILE A 27 12.55 0.73 -24.47
C ILE A 27 13.77 0.12 -23.81
N THR A 28 13.94 0.40 -22.52
CA THR A 28 15.04 -0.19 -21.78
C THR A 28 14.52 -1.29 -20.87
N GLU A 29 15.04 -2.50 -21.06
CA GLU A 29 14.66 -3.63 -20.21
C GLU A 29 15.72 -3.91 -19.16
N VAL A 30 15.33 -3.92 -17.89
CA VAL A 30 16.22 -4.45 -16.86
C VAL A 30 15.72 -5.85 -16.45
N PHE A 31 16.65 -6.81 -16.40
CA PHE A 31 16.26 -8.17 -16.07
C PHE A 31 17.25 -8.80 -15.11
N GLY A 32 16.73 -9.68 -14.26
CA GLY A 32 17.53 -10.28 -13.23
C GLY A 32 16.66 -11.05 -12.26
N GLU A 33 17.31 -11.71 -11.31
CA GLU A 33 16.61 -12.56 -10.36
C GLU A 33 15.79 -11.74 -9.37
N PHE A 34 14.82 -12.41 -8.74
CA PHE A 34 14.05 -11.85 -7.66
C PHE A 34 15.00 -11.22 -6.66
N GLY A 35 14.72 -9.99 -6.25
CA GLY A 35 15.52 -9.31 -5.26
C GLY A 35 16.74 -8.54 -5.76
N SER A 36 16.95 -8.47 -7.07
CA SER A 36 18.17 -7.82 -7.58
C SER A 36 18.08 -6.28 -7.60
N GLY A 37 16.89 -5.74 -7.36
CA GLY A 37 16.73 -4.29 -7.31
C GLY A 37 16.07 -3.66 -8.53
N LYS A 38 15.37 -4.46 -9.32
CA LYS A 38 14.74 -3.93 -10.53
C LYS A 38 13.70 -2.88 -10.20
N THR A 39 12.84 -3.17 -9.23
CA THR A 39 11.78 -2.27 -8.82
C THR A 39 12.34 -1.03 -8.08
N GLN A 40 13.46 -1.19 -7.38
CA GLN A 40 14.13 -0.02 -6.80
C GLN A 40 14.62 0.93 -7.90
N LEU A 41 15.16 0.38 -8.98
CA LEU A 41 15.61 1.22 -10.09
C LEU A 41 14.43 1.94 -10.71
N ALA A 42 13.29 1.25 -10.82
CA ALA A 42 12.09 1.89 -11.35
C ALA A 42 11.63 3.04 -10.46
N HIS A 43 11.65 2.83 -9.15
CA HIS A 43 11.21 3.86 -8.21
C HIS A 43 12.12 5.07 -8.31
N THR A 44 13.42 4.81 -8.41
CA THR A 44 14.41 5.89 -8.47
C THR A 44 14.22 6.71 -9.75
N LEU A 45 14.04 6.03 -10.89
CA LEU A 45 13.82 6.74 -12.15
C LEU A 45 12.53 7.57 -12.14
N ALA A 46 11.51 7.10 -11.43
CA ALA A 46 10.21 7.79 -11.39
C ALA A 46 10.34 9.14 -10.67
N VAL A 47 11.41 9.27 -9.88
CA VAL A 47 11.76 10.55 -9.25
C VAL A 47 12.73 11.33 -10.13
N MET A 48 13.82 10.68 -10.55
CA MET A 48 14.87 11.36 -11.33
C MET A 48 14.30 12.08 -12.56
N VAL A 49 13.31 11.49 -13.22
CA VAL A 49 12.81 12.09 -14.45
C VAL A 49 12.15 13.45 -14.16
N GLN A 50 11.72 13.67 -12.92
CA GLN A 50 11.00 14.90 -12.57
C GLN A 50 11.93 16.08 -12.31
N LEU A 51 13.22 15.79 -12.17
CA LEU A 51 14.24 16.82 -12.00
C LEU A 51 14.38 17.67 -13.28
N PRO A 52 14.88 18.91 -13.14
CA PRO A 52 15.19 19.71 -14.34
C PRO A 52 16.39 19.10 -15.10
N PRO A 53 16.56 19.43 -16.39
CA PRO A 53 17.58 18.75 -17.20
C PRO A 53 19.01 18.93 -16.67
N GLU A 54 19.30 20.10 -16.10
CA GLU A 54 20.65 20.30 -15.58
C GLU A 54 20.93 19.46 -14.34
N GLU A 55 19.91 18.79 -13.81
CA GLU A 55 20.12 17.84 -12.72
C GLU A 55 19.88 16.40 -13.20
N GLY A 56 19.77 16.22 -14.52
CA GLY A 56 19.70 14.88 -15.08
C GLY A 56 18.30 14.39 -15.41
N GLY A 57 17.31 15.23 -15.19
CA GLY A 57 15.92 14.83 -15.41
C GLY A 57 15.38 15.42 -16.70
N LEU A 58 14.06 15.34 -16.89
CA LEU A 58 13.46 15.88 -18.10
C LEU A 58 12.24 16.72 -17.76
N ASN A 59 12.15 17.18 -16.51
N ASN A 59 12.16 17.16 -16.51
CA ASN A 59 10.97 17.92 -16.04
CA ASN A 59 10.99 17.90 -16.02
C ASN A 59 9.68 17.17 -16.35
C ASN A 59 9.72 17.16 -16.41
N GLY A 60 9.74 15.84 -16.26
CA GLY A 60 8.66 15.01 -16.77
C GLY A 60 7.72 14.36 -15.79
N SER A 61 6.54 14.01 -16.31
CA SER A 61 5.56 13.19 -15.62
C SER A 61 5.82 11.71 -15.86
N VAL A 62 5.19 10.88 -15.03
CA VAL A 62 5.40 9.44 -15.06
C VAL A 62 4.07 8.70 -15.21
N MET A 63 4.06 7.63 -16.00
CA MET A 63 2.95 6.69 -15.97
C MET A 63 3.49 5.32 -15.58
N TRP A 64 2.77 4.61 -14.74
CA TRP A 64 3.30 3.39 -14.12
C TRP A 64 2.28 2.25 -14.21
N ILE A 65 2.64 1.18 -14.91
CA ILE A 65 1.79 -0.02 -14.95
C ILE A 65 2.38 -1.12 -14.09
N ASP A 66 1.64 -1.50 -13.06
CA ASP A 66 2.05 -2.42 -12.00
C ASP A 66 1.35 -3.77 -12.14
N THR A 67 2.11 -4.86 -12.11
CA THR A 67 1.49 -6.18 -12.23
C THR A 67 1.69 -7.06 -10.99
N GLU A 68 2.47 -6.58 -10.04
CA GLU A 68 2.81 -7.39 -8.88
C GLU A 68 2.57 -6.65 -7.57
N ASN A 69 1.89 -5.51 -7.65
CA ASN A 69 1.55 -4.70 -6.47
C ASN A 69 2.78 -4.24 -5.70
N THR A 70 3.86 -3.97 -6.43
CA THR A 70 5.13 -3.64 -5.79
C THR A 70 5.44 -2.13 -5.75
N PHE A 71 4.52 -1.31 -6.28
CA PHE A 71 4.69 0.14 -6.24
C PHE A 71 4.49 0.62 -4.82
N ARG A 72 5.39 1.46 -4.34
CA ARG A 72 5.33 1.93 -2.96
C ARG A 72 5.42 3.45 -2.90
N PRO A 73 4.26 4.12 -2.75
CA PRO A 73 4.23 5.59 -2.70
C PRO A 73 5.17 6.17 -1.65
N GLU A 74 5.29 5.53 -0.48
CA GLU A 74 6.17 6.07 0.55
C GLU A 74 7.63 5.98 0.13
N ARG A 75 7.96 5.00 -0.72
CA ARG A 75 9.32 4.92 -1.23
C ARG A 75 9.63 6.06 -2.20
N ILE A 76 8.66 6.41 -3.02
CA ILE A 76 8.76 7.59 -3.88
C ILE A 76 8.99 8.84 -3.04
N ARG A 77 8.18 8.99 -2.00
CA ARG A 77 8.29 10.15 -1.13
C ARG A 77 9.69 10.26 -0.53
N GLU A 78 10.22 9.13 -0.05
CA GLU A 78 11.54 9.11 0.56
C GLU A 78 12.64 9.53 -0.41
N ILE A 79 12.64 8.94 -1.59
CA ILE A 79 13.61 9.29 -2.62
C ILE A 79 13.53 10.77 -2.99
N ALA A 80 12.32 11.25 -3.22
CA ALA A 80 12.11 12.67 -3.54
C ALA A 80 12.66 13.56 -2.44
N GLN A 81 12.34 13.21 -1.21
CA GLN A 81 12.69 14.05 -0.07
C GLN A 81 14.21 14.16 0.07
N ASN A 82 14.91 13.05 -0.08
CA ASN A 82 16.35 13.07 0.06
C ASN A 82 17.08 13.63 -1.14
N ARG A 83 16.35 13.96 -2.20
CA ARG A 83 16.98 14.60 -3.35
C ARG A 83 16.51 16.04 -3.52
N GLY A 84 15.88 16.57 -2.48
CA GLY A 84 15.51 17.98 -2.42
C GLY A 84 14.14 18.35 -2.97
N LEU A 85 13.37 17.34 -3.35
CA LEU A 85 12.08 17.58 -4.00
C LEU A 85 10.93 17.39 -3.02
N ASP A 86 9.80 18.01 -3.31
CA ASP A 86 8.61 17.85 -2.48
C ASP A 86 7.97 16.48 -2.70
N PRO A 87 7.88 15.68 -1.64
CA PRO A 87 7.40 14.29 -1.72
C PRO A 87 6.04 14.15 -2.39
N ASP A 88 5.10 15.02 -2.04
CA ASP A 88 3.73 14.86 -2.50
C ASP A 88 3.55 15.39 -3.92
N GLU A 89 4.28 16.45 -4.27
CA GLU A 89 4.29 16.92 -5.65
C GLU A 89 4.84 15.82 -6.59
N VAL A 90 5.96 15.21 -6.19
CA VAL A 90 6.52 14.10 -6.97
C VAL A 90 5.52 12.95 -7.13
N LEU A 91 4.85 12.53 -6.06
CA LEU A 91 3.83 11.49 -6.16
C LEU A 91 2.68 11.90 -7.08
N LYS A 92 2.32 13.19 -7.05
CA LYS A 92 1.20 13.69 -7.83
C LYS A 92 1.42 13.62 -9.34
N HIS A 93 2.69 13.53 -9.74
CA HIS A 93 3.03 13.48 -11.16
C HIS A 93 3.32 12.04 -11.60
N ILE A 94 2.94 11.08 -10.77
CA ILE A 94 2.96 9.67 -11.18
C ILE A 94 1.53 9.15 -11.33
N ALA A 95 1.13 8.89 -12.57
CA ALA A 95 -0.16 8.26 -12.83
C ALA A 95 0.00 6.74 -12.75
N TYR A 96 -0.82 6.08 -11.94
CA TYR A 96 -0.58 4.69 -11.58
C TYR A 96 -1.75 3.76 -11.95
N ALA A 97 -1.46 2.62 -12.58
CA ALA A 97 -2.49 1.60 -12.83
C ALA A 97 -2.00 0.19 -12.52
N ARG A 98 -2.88 -0.63 -11.94
CA ARG A 98 -2.60 -2.05 -11.77
C ARG A 98 -3.20 -2.86 -12.93
N ALA A 99 -2.37 -3.66 -13.60
CA ALA A 99 -2.88 -4.55 -14.64
C ALA A 99 -3.36 -5.87 -14.02
N PHE A 100 -4.65 -6.15 -14.21
CA PHE A 100 -5.29 -7.34 -13.68
C PHE A 100 -4.77 -8.64 -14.31
N ASN A 101 -4.50 -8.57 -15.61
CA ASN A 101 -3.97 -9.71 -16.37
C ASN A 101 -3.26 -9.18 -17.62
N SER A 102 -2.72 -10.04 -18.46
CA SER A 102 -1.92 -9.59 -19.61
C SER A 102 -2.77 -8.88 -20.66
N ASN A 103 -4.05 -9.25 -20.77
CA ASN A 103 -4.95 -8.57 -21.69
C ASN A 103 -5.27 -7.14 -21.22
N HIS A 104 -5.46 -6.97 -19.92
CA HIS A 104 -5.73 -5.65 -19.34
C HIS A 104 -4.46 -4.81 -19.48
N GLN A 105 -3.32 -5.45 -19.22
CA GLN A 105 -2.02 -4.81 -19.37
C GLN A 105 -1.85 -4.24 -20.78
N MET A 106 -2.29 -4.99 -21.79
CA MET A 106 -2.16 -4.52 -23.16
C MET A 106 -3.09 -3.33 -23.42
N LEU A 107 -4.30 -3.37 -22.85
CA LEU A 107 -5.25 -2.27 -23.02
C LEU A 107 -4.76 -1.00 -22.36
N LEU A 108 -4.13 -1.15 -21.20
CA LEU A 108 -3.67 0.01 -20.44
C LEU A 108 -2.66 0.85 -21.23
N VAL A 109 -1.91 0.21 -22.12
CA VAL A 109 -0.99 0.95 -22.98
C VAL A 109 -1.78 1.86 -23.89
N GLN A 110 -2.91 1.36 -24.37
CA GLN A 110 -3.82 2.19 -25.15
C GLN A 110 -4.43 3.28 -24.31
N GLN A 111 -4.80 2.97 -23.06
CA GLN A 111 -5.41 3.96 -22.19
C GLN A 111 -4.40 5.05 -21.86
N ALA A 112 -3.14 4.66 -21.76
CA ALA A 112 -2.09 5.59 -21.34
C ALA A 112 -1.91 6.72 -22.35
N GLU A 113 -2.17 6.43 -23.63
CA GLU A 113 -1.97 7.41 -24.70
C GLU A 113 -2.84 8.66 -24.52
N ASP A 114 -4.01 8.49 -23.93
CA ASP A 114 -4.87 9.64 -23.67
C ASP A 114 -4.21 10.65 -22.73
N MET A 115 -3.63 10.18 -21.63
CA MET A 115 -2.99 11.10 -20.69
C MET A 115 -1.72 11.66 -21.30
N ILE A 116 -1.03 10.84 -22.06
CA ILE A 116 0.17 11.31 -22.74
C ILE A 116 -0.15 12.50 -23.68
N LYS A 117 -1.24 12.36 -24.44
CA LYS A 117 -1.71 13.46 -25.28
C LYS A 117 -2.08 14.69 -24.45
N GLU A 118 -2.73 14.45 -23.32
CA GLU A 118 -3.22 15.55 -22.47
C GLU A 118 -2.10 16.42 -21.92
N LEU A 119 -0.97 15.80 -21.58
CA LEU A 119 0.11 16.51 -20.91
C LEU A 119 1.17 16.99 -21.88
N LEU A 120 1.04 16.61 -23.14
CA LEU A 120 2.11 16.76 -24.12
C LEU A 120 2.67 18.18 -24.24
N ASN A 121 1.81 19.18 -24.15
CA ASN A 121 2.26 20.57 -24.25
C ASN A 121 2.18 21.34 -22.93
N THR A 122 2.02 20.62 -21.82
CA THR A 122 2.15 21.23 -20.51
C THR A 122 3.62 21.37 -20.19
N ASP A 123 3.94 21.89 -19.01
N ASP A 123 3.92 21.90 -19.01
CA ASP A 123 5.34 22.04 -18.62
CA ASP A 123 5.30 22.06 -18.56
C ASP A 123 5.91 20.74 -18.05
C ASP A 123 5.91 20.72 -18.16
N ARG A 124 5.06 19.75 -17.87
CA ARG A 124 5.50 18.44 -17.41
C ARG A 124 4.88 17.31 -18.24
N PRO A 125 5.28 17.22 -19.52
CA PRO A 125 4.79 16.12 -20.38
C PRO A 125 5.21 14.79 -19.79
N VAL A 126 4.50 13.72 -20.15
CA VAL A 126 4.95 12.40 -19.74
C VAL A 126 6.30 12.13 -20.40
N LYS A 127 7.29 11.74 -19.60
CA LYS A 127 8.62 11.42 -20.15
C LYS A 127 9.07 10.02 -19.77
N LEU A 128 8.34 9.36 -18.88
CA LEU A 128 8.72 8.02 -18.42
C LEU A 128 7.48 7.15 -18.28
N LEU A 129 7.53 5.98 -18.92
CA LEU A 129 6.47 5.00 -18.79
C LEU A 129 7.11 3.71 -18.29
N ILE A 130 6.67 3.27 -17.12
CA ILE A 130 7.20 2.08 -16.45
C ILE A 130 6.21 0.94 -16.55
N VAL A 131 6.71 -0.24 -16.92
CA VAL A 131 5.92 -1.47 -16.86
C VAL A 131 6.66 -2.49 -15.98
N ASP A 132 6.09 -2.79 -14.81
CA ASP A 132 6.74 -3.61 -13.81
C ASP A 132 5.70 -4.54 -13.18
N SER A 133 5.64 -5.81 -13.54
CA SER A 133 6.55 -6.53 -14.43
C SER A 133 6.04 -6.67 -15.86
N LEU A 134 6.94 -6.55 -16.83
CA LEU A 134 6.53 -6.67 -18.24
C LEU A 134 5.99 -8.07 -18.52
N THR A 135 6.62 -9.08 -17.94
CA THR A 135 6.40 -10.45 -18.38
C THR A 135 5.59 -11.35 -17.43
N SER A 136 5.42 -10.95 -16.18
CA SER A 136 4.83 -11.85 -15.19
C SER A 136 3.44 -12.41 -15.56
N HIS A 137 2.52 -11.57 -16.03
CA HIS A 137 1.20 -12.06 -16.47
C HIS A 137 1.34 -12.99 -17.67
N PHE A 138 2.25 -12.67 -18.59
CA PHE A 138 2.41 -13.47 -19.79
C PHE A 138 2.95 -14.85 -19.42
N ARG A 139 3.83 -14.89 -18.42
N ARG A 139 3.86 -14.89 -18.45
CA ARG A 139 4.44 -16.14 -17.99
CA ARG A 139 4.42 -16.15 -17.98
C ARG A 139 3.43 -17.05 -17.31
C ARG A 139 3.33 -17.04 -17.43
N SER A 140 2.48 -16.46 -16.60
CA SER A 140 1.47 -17.22 -15.88
C SER A 140 0.33 -17.68 -16.79
N GLU A 141 -0.01 -16.89 -17.80
CA GLU A 141 -1.15 -17.20 -18.65
C GLU A 141 -0.84 -18.08 -19.86
N TYR A 142 0.31 -17.86 -20.47
CA TYR A 142 0.69 -18.60 -21.66
C TYR A 142 1.77 -19.61 -21.31
N ILE A 143 1.37 -20.87 -21.12
CA ILE A 143 2.29 -21.87 -20.57
C ILE A 143 1.95 -23.25 -21.13
N GLY A 144 2.99 -24.03 -21.42
CA GLY A 144 2.78 -25.38 -21.97
C GLY A 144 2.99 -25.41 -23.47
N ARG A 145 2.71 -26.57 -24.07
CA ARG A 145 2.92 -26.78 -25.50
C ARG A 145 2.24 -25.75 -26.38
N GLY A 146 3.01 -25.11 -27.26
CA GLY A 146 2.49 -24.09 -28.16
C GLY A 146 2.54 -22.70 -27.56
N ALA A 147 2.79 -22.62 -26.26
CA ALA A 147 2.77 -21.33 -25.59
C ALA A 147 3.96 -20.46 -25.96
N LEU A 148 5.11 -21.08 -26.23
CA LEU A 148 6.30 -20.29 -26.53
C LEU A 148 6.02 -19.35 -27.70
N ALA A 149 5.56 -19.90 -28.81
CA ALA A 149 5.24 -19.10 -29.99
C ALA A 149 4.15 -18.06 -29.69
N GLU A 150 3.06 -18.52 -29.08
CA GLU A 150 1.93 -17.65 -28.79
C GLU A 150 2.29 -16.51 -27.84
N ARG A 151 2.99 -16.84 -26.75
CA ARG A 151 3.41 -15.82 -25.78
C ARG A 151 4.38 -14.81 -26.37
N GLN A 152 5.31 -15.28 -27.21
CA GLN A 152 6.30 -14.40 -27.82
C GLN A 152 5.64 -13.44 -28.79
N GLN A 153 4.60 -13.94 -29.45
CA GLN A 153 3.82 -13.12 -30.37
C GLN A 153 3.03 -12.04 -29.64
N LYS A 154 2.38 -12.39 -28.53
CA LYS A 154 1.63 -11.40 -27.76
C LYS A 154 2.56 -10.35 -27.18
N LEU A 155 3.68 -10.80 -26.65
CA LEU A 155 4.67 -9.91 -26.06
C LEU A 155 5.26 -8.96 -27.07
N ALA A 156 5.61 -9.47 -28.26
CA ALA A 156 6.12 -8.61 -29.32
C ALA A 156 5.12 -7.52 -29.69
N LYS A 157 3.84 -7.89 -29.72
CA LYS A 157 2.76 -6.94 -30.00
C LYS A 157 2.69 -5.87 -28.91
N HIS A 158 2.77 -6.29 -27.66
CA HIS A 158 2.79 -5.38 -26.51
C HIS A 158 3.98 -4.42 -26.59
N LEU A 159 5.14 -4.96 -26.90
CA LEU A 159 6.37 -4.17 -27.00
C LEU A 159 6.29 -3.19 -28.18
N ALA A 160 5.64 -3.60 -29.26
CA ALA A 160 5.47 -2.72 -30.40
C ALA A 160 4.58 -1.53 -30.05
N ASP A 161 3.52 -1.77 -29.30
CA ASP A 161 2.66 -0.70 -28.80
C ASP A 161 3.48 0.28 -27.96
N LEU A 162 4.37 -0.27 -27.14
CA LEU A 162 5.20 0.56 -26.27
C LEU A 162 6.22 1.35 -27.09
N HIS A 163 6.84 0.72 -28.10
CA HIS A 163 7.80 1.40 -28.98
C HIS A 163 7.14 2.59 -29.68
N ARG A 164 5.90 2.41 -30.11
CA ARG A 164 5.17 3.48 -30.79
C ARG A 164 5.01 4.70 -29.87
N LEU A 165 4.57 4.47 -28.65
CA LEU A 165 4.45 5.57 -27.69
C LEU A 165 5.79 6.26 -27.49
N ALA A 166 6.84 5.46 -27.29
CA ALA A 166 8.17 6.00 -27.02
C ALA A 166 8.65 6.89 -28.15
N ASN A 167 8.43 6.44 -29.38
CA ASN A 167 8.90 7.18 -30.55
C ASN A 167 7.98 8.32 -30.92
N LEU A 168 6.69 8.08 -30.82
CA LEU A 168 5.71 9.08 -31.22
C LEU A 168 5.74 10.27 -30.26
N TYR A 169 5.91 10.01 -28.97
CA TYR A 169 5.78 11.09 -27.99
C TYR A 169 7.06 11.43 -27.21
N ASP A 170 8.20 10.88 -27.65
CA ASP A 170 9.50 11.18 -27.07
C ASP A 170 9.49 10.84 -25.58
N ILE A 171 9.20 9.58 -25.29
CA ILE A 171 9.12 9.06 -23.93
C ILE A 171 10.14 7.93 -23.75
N ALA A 172 10.70 7.83 -22.55
CA ALA A 172 11.52 6.69 -22.18
C ALA A 172 10.62 5.60 -21.60
N VAL A 173 10.65 4.40 -22.21
CA VAL A 173 9.93 3.27 -21.66
C VAL A 173 10.92 2.38 -20.89
N PHE A 174 10.56 2.03 -19.67
CA PHE A 174 11.42 1.26 -18.79
C PHE A 174 10.63 0.07 -18.28
N VAL A 175 11.13 -1.14 -18.52
CA VAL A 175 10.38 -2.35 -18.20
C VAL A 175 11.24 -3.34 -17.41
N THR A 176 10.62 -4.11 -16.51
CA THR A 176 11.34 -5.11 -15.75
C THR A 176 10.94 -6.52 -16.17
N ASN A 177 11.87 -7.45 -16.01
CA ASN A 177 11.62 -8.84 -16.37
C ASN A 177 12.42 -9.71 -15.39
N GLN A 178 11.75 -10.63 -14.70
CA GLN A 178 12.40 -11.50 -13.71
C GLN A 178 12.90 -12.77 -14.38
N VAL A 179 14.16 -13.09 -14.15
CA VAL A 179 14.73 -14.27 -14.79
C VAL A 179 15.29 -15.22 -13.74
N GLN A 180 15.19 -16.52 -14.00
CA GLN A 180 15.83 -17.53 -13.18
C GLN A 180 16.93 -18.24 -13.94
N ALA A 181 16.57 -19.40 -14.49
CA ALA A 181 17.50 -20.29 -15.18
C ALA A 181 18.31 -19.54 -16.23
N HIS A 185 16.63 -20.52 -21.62
CA HIS A 185 16.82 -19.11 -21.96
C HIS A 185 16.42 -18.83 -23.41
N ILE A 186 17.40 -18.44 -24.21
CA ILE A 186 17.34 -18.49 -25.68
C ILE A 186 16.15 -17.77 -26.35
N LEU A 187 15.29 -17.14 -25.56
CA LEU A 187 14.13 -16.44 -26.10
C LEU A 187 14.50 -15.08 -26.70
N ALA A 188 13.84 -14.73 -27.79
CA ALA A 188 14.03 -13.45 -28.45
C ALA A 188 13.52 -12.33 -27.55
N HIS A 189 14.10 -11.15 -27.70
CA HIS A 189 13.64 -9.97 -26.98
C HIS A 189 13.62 -8.82 -27.98
N SER A 190 12.78 -7.82 -27.76
CA SER A 190 12.72 -6.73 -28.73
C SER A 190 12.90 -5.36 -28.06
N ALA A 191 13.32 -5.37 -26.80
CA ALA A 191 13.70 -4.12 -26.14
C ALA A 191 14.86 -3.47 -26.89
N THR A 192 14.92 -2.14 -26.83
CA THR A 192 16.00 -1.38 -27.46
C THR A 192 17.33 -1.72 -26.80
N LEU A 193 17.31 -1.78 -25.47
CA LEU A 193 18.52 -1.98 -24.69
C LEU A 193 18.20 -2.91 -23.52
N ARG A 194 19.06 -3.91 -23.29
CA ARG A 194 18.83 -4.83 -22.19
C ARG A 194 19.94 -4.73 -21.14
N VAL A 195 19.56 -4.59 -19.89
CA VAL A 195 20.49 -4.42 -18.77
C VAL A 195 20.31 -5.56 -17.78
N TYR A 196 21.37 -6.32 -17.57
CA TYR A 196 21.35 -7.43 -16.62
C TYR A 196 21.75 -6.92 -15.25
N LEU A 197 20.89 -7.13 -14.26
CA LEU A 197 21.11 -6.64 -12.90
C LEU A 197 21.26 -7.81 -11.93
N ARG A 198 22.23 -7.74 -11.04
N ARG A 198 22.24 -7.76 -11.04
CA ARG A 198 22.39 -8.82 -10.05
CA ARG A 198 22.33 -8.81 -10.02
C ARG A 198 22.85 -8.28 -8.70
C ARG A 198 22.79 -8.26 -8.69
N LYS A 199 22.46 -8.97 -7.63
CA LYS A 199 22.86 -8.60 -6.29
C LYS A 199 24.18 -9.28 -5.98
N GLY A 200 25.17 -8.49 -5.56
CA GLY A 200 26.50 -9.04 -5.29
C GLY A 200 26.90 -8.98 -3.83
N LYS A 201 28.20 -9.16 -3.60
CA LYS A 201 28.74 -9.23 -2.25
C LYS A 201 28.46 -7.96 -1.46
N GLY A 202 28.06 -8.13 -0.20
CA GLY A 202 27.81 -7.01 0.68
C GLY A 202 26.65 -6.15 0.25
N GLY A 203 25.75 -6.70 -0.56
CA GLY A 203 24.55 -5.99 -0.95
C GLY A 203 24.67 -5.06 -2.14
N LYS A 204 25.90 -4.87 -2.64
CA LYS A 204 26.09 -4.06 -3.84
C LYS A 204 25.23 -4.59 -4.98
N ARG A 205 24.86 -3.71 -5.90
CA ARG A 205 24.17 -4.16 -7.11
C ARG A 205 25.09 -3.96 -8.32
N ILE A 206 25.06 -4.91 -9.24
CA ILE A 206 25.94 -4.83 -10.41
C ILE A 206 25.13 -4.94 -11.70
N ALA A 207 25.38 -4.01 -12.61
CA ALA A 207 24.68 -3.94 -13.88
C ALA A 207 25.63 -4.12 -15.06
N ARG A 208 25.15 -4.84 -16.08
CA ARG A 208 25.94 -5.13 -17.28
C ARG A 208 25.03 -5.02 -18.50
N LEU A 209 25.51 -4.41 -19.59
CA LEU A 209 24.75 -4.41 -20.83
C LEU A 209 24.85 -5.75 -21.54
N ILE A 210 23.71 -6.24 -22.03
CA ILE A 210 23.65 -7.51 -22.74
C ILE A 210 23.46 -7.31 -24.25
N ASP A 211 24.31 -7.98 -25.03
CA ASP A 211 24.21 -7.96 -26.49
C ASP A 211 24.18 -6.53 -27.01
N ALA A 212 25.16 -5.75 -26.58
CA ALA A 212 25.29 -4.36 -26.99
C ALA A 212 26.76 -4.08 -27.30
N PRO A 213 27.28 -4.70 -28.37
CA PRO A 213 28.72 -4.70 -28.63
C PRO A 213 29.29 -3.32 -28.90
N HIS A 214 28.44 -2.38 -29.29
CA HIS A 214 28.91 -1.05 -29.67
C HIS A 214 28.82 -0.09 -28.50
N LEU A 215 28.39 -0.61 -27.36
CA LEU A 215 28.17 0.20 -26.16
C LEU A 215 29.19 -0.21 -25.09
N PRO A 216 29.36 0.62 -24.04
CA PRO A 216 30.41 0.36 -23.05
C PRO A 216 30.49 -1.07 -22.55
N GLU A 217 31.72 -1.59 -22.53
CA GLU A 217 32.01 -2.82 -21.85
C GLU A 217 32.31 -2.45 -20.40
N GLY A 218 32.13 -3.40 -19.50
CA GLY A 218 32.32 -3.11 -18.11
C GLY A 218 31.02 -3.32 -17.37
N GLU A 219 31.09 -3.18 -16.06
CA GLU A 219 29.91 -3.29 -15.23
C GLU A 219 29.86 -2.07 -14.33
N ALA A 220 28.66 -1.57 -14.11
CA ALA A 220 28.43 -0.49 -13.18
C ALA A 220 28.07 -1.09 -11.83
N VAL A 221 28.41 -0.40 -10.76
CA VAL A 221 28.14 -0.92 -9.43
C VAL A 221 27.56 0.19 -8.56
N PHE A 222 26.45 -0.10 -7.89
CA PHE A 222 25.81 0.90 -7.05
C PHE A 222 25.14 0.29 -5.83
N SER A 223 24.64 1.15 -4.96
CA SER A 223 23.94 0.71 -3.75
C SER A 223 22.52 1.25 -3.73
N ILE A 224 21.64 0.55 -3.02
CA ILE A 224 20.29 1.03 -2.82
C ILE A 224 20.26 1.79 -1.51
N THR A 225 19.87 3.07 -1.58
CA THR A 225 19.93 3.94 -0.42
C THR A 225 18.66 4.77 -0.29
N GLU A 226 18.67 5.70 0.66
CA GLU A 226 17.52 6.56 0.86
C GLU A 226 17.37 7.55 -0.29
N LYS A 227 18.40 7.70 -1.11
CA LYS A 227 18.32 8.52 -2.32
C LYS A 227 17.90 7.73 -3.55
N GLY A 228 17.52 6.47 -3.36
CA GLY A 228 17.18 5.62 -4.48
C GLY A 228 18.32 4.70 -4.77
N ILE A 229 19.15 5.05 -5.75
CA ILE A 229 20.46 4.42 -5.88
C ILE A 229 21.57 5.47 -5.95
N GLU A 230 22.75 5.10 -5.48
CA GLU A 230 23.94 5.93 -5.65
C GLU A 230 25.22 5.12 -5.59
N ASP A 231 26.28 5.69 -6.15
CA ASP A 231 27.56 5.00 -6.22
C ASP A 231 28.09 4.78 -4.82
N ALA B 2 -13.69 -13.58 34.14
CA ALA B 2 -12.81 -14.28 33.20
C ALA B 2 -11.53 -13.50 32.97
N THR B 3 -10.43 -14.21 32.73
CA THR B 3 -9.16 -13.58 32.40
C THR B 3 -9.35 -12.79 31.11
N ILE B 4 -8.77 -11.59 31.03
CA ILE B 4 -8.91 -10.84 29.80
C ILE B 4 -7.96 -11.40 28.74
N GLY B 5 -8.32 -11.18 27.47
CA GLY B 5 -7.45 -11.55 26.37
C GLY B 5 -6.82 -10.32 25.73
N ARG B 6 -5.71 -10.52 25.02
N ARG B 6 -5.72 -10.53 25.00
CA ARG B 6 -5.09 -9.43 24.30
CA ARG B 6 -5.05 -9.42 24.33
C ARG B 6 -4.96 -9.76 22.83
C ARG B 6 -4.82 -9.71 22.84
N ILE B 7 -5.21 -8.77 21.98
CA ILE B 7 -5.03 -8.92 20.54
C ILE B 7 -3.81 -8.15 20.09
N SER B 8 -2.84 -8.83 19.48
CA SER B 8 -1.68 -8.12 18.93
C SER B 8 -2.11 -7.23 17.76
N THR B 9 -1.46 -6.08 17.64
CA THR B 9 -1.72 -5.18 16.52
C THR B 9 -0.86 -5.48 15.30
N GLY B 10 0.21 -6.24 15.48
CA GLY B 10 1.17 -6.48 14.42
C GLY B 10 2.37 -5.54 14.51
N SER B 11 2.23 -4.47 15.29
CA SER B 11 3.35 -3.59 15.61
C SER B 11 3.86 -3.90 17.00
N LYS B 12 5.14 -4.25 17.09
CA LYS B 12 5.73 -4.51 18.40
C LYS B 12 5.73 -3.28 19.29
N SER B 13 5.97 -2.11 18.70
CA SER B 13 5.98 -0.85 19.42
C SER B 13 4.62 -0.60 20.04
N LEU B 14 3.58 -0.69 19.23
CA LEU B 14 2.23 -0.45 19.70
C LEU B 14 1.77 -1.48 20.73
N ASP B 15 2.04 -2.77 20.48
CA ASP B 15 1.75 -3.82 21.44
C ASP B 15 2.37 -3.49 22.81
N LYS B 16 3.63 -3.07 22.81
CA LYS B 16 4.32 -2.76 24.07
C LYS B 16 3.67 -1.59 24.78
N LEU B 17 3.35 -0.55 24.03
CA LEU B 17 2.62 0.59 24.57
C LEU B 17 1.33 0.13 25.25
N LEU B 18 0.65 -0.82 24.63
CA LEU B 18 -0.67 -1.29 25.10
C LEU B 18 -0.59 -2.42 26.11
N GLY B 19 0.62 -2.81 26.48
CA GLY B 19 0.82 -3.92 27.40
C GLY B 19 0.65 -5.32 26.80
N GLY B 20 0.87 -5.44 25.50
CA GLY B 20 0.79 -6.73 24.83
C GLY B 20 -0.25 -6.76 23.72
N GLY B 21 -1.15 -5.78 23.74
CA GLY B 21 -2.15 -5.64 22.70
C GLY B 21 -3.47 -5.11 23.21
N ILE B 22 -4.44 -5.01 22.30
CA ILE B 22 -5.78 -4.51 22.64
C ILE B 22 -6.49 -5.49 23.56
N GLU B 23 -7.11 -4.99 24.64
CA GLU B 23 -7.70 -5.87 25.65
C GLU B 23 -9.16 -6.21 25.43
N THR B 24 -9.55 -7.43 25.79
CA THR B 24 -10.97 -7.74 25.91
C THR B 24 -11.48 -7.16 27.22
N GLN B 25 -12.80 -7.16 27.41
CA GLN B 25 -13.45 -6.58 28.59
C GLN B 25 -13.04 -5.11 28.73
N ALA B 26 -12.97 -4.44 27.60
CA ALA B 26 -12.50 -3.08 27.54
C ALA B 26 -12.97 -2.41 26.26
N ILE B 27 -13.15 -1.09 26.34
CA ILE B 27 -13.33 -0.26 25.16
C ILE B 27 -12.05 0.53 24.92
N THR B 28 -11.42 0.28 23.78
CA THR B 28 -10.24 1.04 23.38
C THR B 28 -10.63 2.07 22.33
N GLU B 29 -10.42 3.34 22.64
CA GLU B 29 -10.76 4.43 21.73
C GLU B 29 -9.50 4.96 21.09
N VAL B 30 -9.44 4.92 19.76
CA VAL B 30 -8.37 5.62 19.06
C VAL B 30 -8.95 6.94 18.54
N PHE B 31 -8.24 8.03 18.78
CA PHE B 31 -8.69 9.32 18.28
C PHE B 31 -7.58 10.11 17.61
N GLY B 32 -7.97 10.93 16.64
CA GLY B 32 -7.03 11.75 15.89
C GLY B 32 -7.69 12.36 14.67
N GLU B 33 -6.95 13.19 13.95
CA GLU B 33 -7.48 13.88 12.79
C GLU B 33 -7.73 12.93 11.64
N PHE B 34 -8.45 13.38 10.62
CA PHE B 34 -8.72 12.54 9.47
C PHE B 34 -7.39 12.20 8.82
N GLY B 35 -7.26 10.95 8.38
CA GLY B 35 -6.08 10.49 7.69
C GLY B 35 -4.98 9.99 8.62
N SER B 36 -5.26 9.94 9.91
N SER B 36 -5.25 9.97 9.91
CA SER B 36 -4.25 9.53 10.88
CA SER B 36 -4.26 9.51 10.89
C SER B 36 -4.03 8.02 10.90
C SER B 36 -3.99 8.03 10.74
N GLY B 37 -5.02 7.26 10.39
CA GLY B 37 -4.88 5.82 10.27
C GLY B 37 -5.80 5.00 11.17
N LYS B 38 -6.86 5.62 11.69
CA LYS B 38 -7.73 4.94 12.64
C LYS B 38 -8.43 3.73 11.99
N THR B 39 -8.96 3.92 10.79
CA THR B 39 -9.66 2.85 10.08
C THR B 39 -8.69 1.78 9.63
N GLN B 40 -7.45 2.16 9.34
CA GLN B 40 -6.43 1.17 9.01
C GLN B 40 -6.18 0.26 10.20
N LEU B 41 -6.13 0.83 11.40
CA LEU B 41 -5.96 0.02 12.60
C LEU B 41 -7.18 -0.89 12.83
N ALA B 42 -8.38 -0.37 12.57
CA ALA B 42 -9.61 -1.17 12.65
C ALA B 42 -9.51 -2.38 11.73
N HIS B 43 -9.15 -2.13 10.48
CA HIS B 43 -8.99 -3.22 9.51
C HIS B 43 -7.96 -4.25 9.96
N THR B 44 -6.83 -3.76 10.46
CA THR B 44 -5.75 -4.64 10.91
C THR B 44 -6.21 -5.54 12.04
N LEU B 45 -6.91 -4.96 13.02
CA LEU B 45 -7.37 -5.74 14.18
C LEU B 45 -8.41 -6.78 13.79
N ALA B 46 -9.25 -6.45 12.81
CA ALA B 46 -10.28 -7.37 12.34
C ALA B 46 -9.65 -8.63 11.73
N VAL B 47 -8.40 -8.53 11.27
CA VAL B 47 -7.67 -9.71 10.84
C VAL B 47 -6.86 -10.35 11.98
N MET B 48 -6.09 -9.58 12.74
CA MET B 48 -5.24 -10.13 13.79
C MET B 48 -6.00 -10.97 14.82
N VAL B 49 -7.19 -10.52 15.20
CA VAL B 49 -7.97 -11.23 16.22
C VAL B 49 -8.33 -12.67 15.80
N GLN B 50 -8.35 -12.92 14.50
CA GLN B 50 -8.71 -14.23 13.96
C GLN B 50 -7.53 -15.19 14.00
N LEU B 51 -6.33 -14.66 14.27
CA LEU B 51 -5.14 -15.49 14.44
C LEU B 51 -5.27 -16.37 15.69
N PRO B 52 -4.61 -17.54 15.67
CA PRO B 52 -4.59 -18.35 16.90
C PRO B 52 -3.84 -17.62 18.02
N PRO B 53 -4.12 -17.98 19.28
CA PRO B 53 -3.53 -17.26 20.42
C PRO B 53 -1.99 -17.16 20.38
N GLU B 54 -1.30 -18.22 19.96
CA GLU B 54 0.16 -18.18 19.96
C GLU B 54 0.71 -17.27 18.85
N GLU B 55 -0.15 -16.87 17.92
CA GLU B 55 0.25 -15.91 16.89
C GLU B 55 -0.31 -14.52 17.19
N GLY B 56 -0.84 -14.34 18.40
CA GLY B 56 -1.30 -13.03 18.84
C GLY B 56 -2.78 -12.69 18.66
N GLY B 57 -3.58 -13.64 18.20
CA GLY B 57 -5.02 -13.44 18.09
C GLY B 57 -5.79 -14.18 19.17
N LEU B 58 -7.10 -14.32 18.97
CA LEU B 58 -7.93 -15.02 19.94
C LEU B 58 -8.88 -16.02 19.27
N ASN B 59 -8.52 -16.46 18.06
CA ASN B 59 -9.39 -17.33 17.26
C ASN B 59 -10.80 -16.77 17.16
N GLY B 60 -10.92 -15.47 17.04
CA GLY B 60 -12.21 -14.85 17.24
C GLY B 60 -12.93 -14.44 15.99
N SER B 61 -14.24 -14.30 16.11
CA SER B 61 -15.08 -13.65 15.11
C SER B 61 -15.15 -12.14 15.36
N VAL B 62 -15.63 -11.42 14.35
CA VAL B 62 -15.65 -9.97 14.39
C VAL B 62 -17.04 -9.42 14.08
N MET B 63 -17.44 -8.36 14.75
CA MET B 63 -18.62 -7.61 14.32
C MET B 63 -18.20 -6.15 14.11
N TRP B 64 -18.75 -5.54 13.07
CA TRP B 64 -18.26 -4.24 12.60
C TRP B 64 -19.43 -3.32 12.33
N ILE B 65 -19.52 -2.22 13.08
CA ILE B 65 -20.54 -1.21 12.82
C ILE B 65 -19.89 0.01 12.16
N ASP B 66 -20.33 0.30 10.95
CA ASP B 66 -19.72 1.31 10.09
C ASP B 66 -20.66 2.51 9.95
N THR B 67 -20.16 3.71 10.25
CA THR B 67 -20.97 4.92 10.11
C THR B 67 -20.54 5.81 8.93
N GLU B 68 -19.42 5.49 8.29
CA GLU B 68 -18.85 6.36 7.26
C GLU B 68 -18.55 5.62 5.95
N ASN B 69 -19.10 4.41 5.80
CA ASN B 69 -18.84 3.57 4.63
C ASN B 69 -17.35 3.42 4.32
N THR B 70 -16.54 3.18 5.35
CA THR B 70 -15.10 3.13 5.16
C THR B 70 -14.52 1.71 5.21
N PHE B 71 -15.37 0.72 5.52
CA PHE B 71 -14.96 -0.69 5.52
C PHE B 71 -14.65 -1.14 4.10
N ARG B 72 -13.46 -1.72 3.92
CA ARG B 72 -12.99 -2.19 2.60
C ARG B 72 -12.65 -3.69 2.61
N PRO B 73 -13.56 -4.54 2.10
CA PRO B 73 -13.32 -5.98 2.03
C PRO B 73 -11.99 -6.34 1.37
N GLU B 74 -11.59 -5.55 0.38
CA GLU B 74 -10.35 -5.85 -0.34
C GLU B 74 -9.11 -5.58 0.52
N ARG B 75 -9.24 -4.62 1.44
CA ARG B 75 -8.15 -4.34 2.40
C ARG B 75 -8.04 -5.47 3.42
N ILE B 76 -9.18 -6.00 3.83
CA ILE B 76 -9.19 -7.18 4.70
C ILE B 76 -8.49 -8.37 4.01
N ARG B 77 -8.82 -8.60 2.76
CA ARG B 77 -8.20 -9.69 2.01
C ARG B 77 -6.69 -9.56 1.96
N GLU B 78 -6.23 -8.36 1.65
CA GLU B 78 -4.81 -8.07 1.52
C GLU B 78 -4.05 -8.36 2.80
N ILE B 79 -4.56 -7.84 3.92
CA ILE B 79 -3.91 -8.06 5.21
C ILE B 79 -3.88 -9.53 5.59
N ALA B 80 -5.03 -10.20 5.43
CA ALA B 80 -5.12 -11.62 5.73
C ALA B 80 -4.10 -12.44 4.94
N GLN B 81 -4.01 -12.17 3.64
CA GLN B 81 -3.10 -12.89 2.76
C GLN B 81 -1.66 -12.76 3.24
N ASN B 82 -1.35 -11.64 3.87
CA ASN B 82 0.02 -11.35 4.29
C ASN B 82 0.28 -11.67 5.76
N ARG B 83 -0.73 -12.19 6.45
CA ARG B 83 -0.57 -12.57 7.85
C ARG B 83 -0.74 -14.07 8.05
N GLY B 84 -0.71 -14.83 6.96
CA GLY B 84 -0.83 -16.27 7.00
C GLY B 84 -2.23 -16.82 7.19
N LEU B 85 -3.24 -16.03 6.86
CA LEU B 85 -4.63 -16.48 6.93
C LEU B 85 -5.29 -16.52 5.56
N ASP B 86 -6.38 -17.28 5.44
CA ASP B 86 -7.11 -17.37 4.17
C ASP B 86 -8.13 -16.24 4.07
N PRO B 87 -7.98 -15.37 3.05
CA PRO B 87 -8.79 -14.16 2.89
C PRO B 87 -10.29 -14.41 2.94
N ASP B 88 -10.75 -15.49 2.31
CA ASP B 88 -12.18 -15.80 2.26
C ASP B 88 -12.75 -16.15 3.64
N GLU B 89 -12.06 -17.01 4.38
CA GLU B 89 -12.49 -17.36 5.73
C GLU B 89 -12.48 -16.15 6.66
N VAL B 90 -11.46 -15.31 6.50
CA VAL B 90 -11.37 -14.11 7.33
C VAL B 90 -12.58 -13.19 7.11
N LEU B 91 -12.94 -12.95 5.85
CA LEU B 91 -14.11 -12.12 5.55
C LEU B 91 -15.40 -12.77 6.05
N LYS B 92 -15.49 -14.09 5.94
CA LYS B 92 -16.69 -14.80 6.41
C LYS B 92 -16.92 -14.60 7.90
N HIS B 93 -15.84 -14.33 8.63
CA HIS B 93 -15.93 -14.17 10.06
C HIS B 93 -15.98 -12.70 10.50
N ILE B 94 -16.28 -11.83 9.55
CA ILE B 94 -16.58 -10.43 9.85
C ILE B 94 -18.04 -10.14 9.52
N ALA B 95 -18.84 -9.94 10.57
CA ALA B 95 -20.25 -9.59 10.37
C ALA B 95 -20.36 -8.07 10.36
N TYR B 96 -20.96 -7.53 9.30
CA TYR B 96 -20.88 -6.11 8.99
C TYR B 96 -22.25 -5.45 8.89
N ALA B 97 -22.38 -4.27 9.51
CA ALA B 97 -23.61 -3.47 9.42
C ALA B 97 -23.30 -1.99 9.28
N ARG B 98 -24.04 -1.29 8.44
CA ARG B 98 -23.94 0.15 8.33
C ARG B 98 -24.98 0.81 9.22
N ALA B 99 -24.52 1.69 10.11
CA ALA B 99 -25.43 2.50 10.92
C ALA B 99 -25.94 3.71 10.13
N PHE B 100 -27.26 3.82 10.02
CA PHE B 100 -27.87 4.87 9.20
C PHE B 100 -27.85 6.22 9.91
N ASN B 101 -28.01 6.20 11.23
CA ASN B 101 -27.92 7.39 12.06
C ASN B 101 -27.59 6.95 13.48
N SER B 102 -27.54 7.89 14.41
CA SER B 102 -27.08 7.55 15.76
C SER B 102 -28.08 6.67 16.50
N ASN B 103 -29.37 6.83 16.19
CA ASN B 103 -30.38 5.99 16.85
C ASN B 103 -30.29 4.54 16.38
N HIS B 104 -30.10 4.38 15.08
CA HIS B 104 -29.92 3.06 14.49
C HIS B 104 -28.58 2.45 14.98
N GLN B 105 -27.58 3.32 15.13
CA GLN B 105 -26.28 2.90 15.65
C GLN B 105 -26.43 2.29 17.05
N MET B 106 -27.28 2.90 17.87
CA MET B 106 -27.53 2.40 19.22
C MET B 106 -28.28 1.07 19.20
N LEU B 107 -29.31 0.98 18.35
CA LEU B 107 -30.05 -0.29 18.22
C LEU B 107 -29.18 -1.45 17.74
N LEU B 108 -28.24 -1.15 16.85
CA LEU B 108 -27.38 -2.19 16.30
C LEU B 108 -26.53 -2.88 17.37
N VAL B 109 -26.24 -2.19 18.47
CA VAL B 109 -25.51 -2.78 19.59
C VAL B 109 -26.35 -3.86 20.29
N GLN B 110 -27.65 -3.64 20.42
CA GLN B 110 -28.55 -4.68 20.93
C GLN B 110 -28.76 -5.81 19.93
N GLN B 111 -28.83 -5.46 18.64
CA GLN B 111 -28.95 -6.47 17.59
C GLN B 111 -27.73 -7.38 17.61
N ALA B 112 -26.57 -6.78 17.91
CA ALA B 112 -25.30 -7.51 17.84
C ALA B 112 -25.25 -8.64 18.87
N GLU B 113 -25.92 -8.43 20.00
CA GLU B 113 -25.88 -9.39 21.10
C GLU B 113 -26.43 -10.75 20.68
N ASP B 114 -27.35 -10.76 19.71
CA ASP B 114 -27.88 -12.01 19.17
C ASP B 114 -26.77 -12.90 18.61
N MET B 115 -25.98 -12.39 17.66
CA MET B 115 -24.87 -13.16 17.08
C MET B 115 -23.80 -13.50 18.12
N ILE B 116 -23.56 -12.58 19.03
CA ILE B 116 -22.59 -12.84 20.12
C ILE B 116 -23.02 -14.07 20.92
N LYS B 117 -24.28 -14.11 21.36
CA LYS B 117 -24.80 -15.27 22.09
C LYS B 117 -24.71 -16.56 21.28
N GLU B 118 -25.02 -16.47 20.01
CA GLU B 118 -24.99 -17.64 19.13
C GLU B 118 -23.59 -18.26 19.00
N LEU B 119 -22.59 -17.43 18.82
CA LEU B 119 -21.22 -17.91 18.57
C LEU B 119 -20.42 -18.17 19.83
N LEU B 120 -20.99 -17.83 20.98
CA LEU B 120 -20.27 -17.75 22.23
C LEU B 120 -19.55 -19.05 22.63
N ASN B 121 -20.23 -20.17 22.49
CA ASN B 121 -19.63 -21.42 22.90
C ASN B 121 -19.32 -22.30 21.69
N THR B 122 -19.12 -21.66 20.54
CA THR B 122 -18.47 -22.28 19.38
C THR B 122 -16.97 -22.08 19.49
N ASP B 123 -16.21 -22.53 18.50
CA ASP B 123 -14.76 -22.36 18.53
C ASP B 123 -14.32 -21.02 17.91
N ARG B 124 -15.27 -20.24 17.42
CA ARG B 124 -14.99 -18.90 16.91
C ARG B 124 -15.90 -17.83 17.51
N PRO B 125 -15.85 -17.66 18.84
CA PRO B 125 -16.70 -16.66 19.49
C PRO B 125 -16.36 -15.26 19.01
N VAL B 126 -17.31 -14.33 19.05
CA VAL B 126 -16.99 -12.94 18.81
C VAL B 126 -15.96 -12.48 19.85
N LYS B 127 -14.84 -11.93 19.36
CA LYS B 127 -13.83 -11.38 20.26
C LYS B 127 -13.48 -9.93 19.96
N LEU B 128 -14.02 -9.40 18.87
CA LEU B 128 -13.79 -7.99 18.51
C LEU B 128 -15.08 -7.36 17.99
N LEU B 129 -15.45 -6.22 18.58
CA LEU B 129 -16.53 -5.38 18.07
C LEU B 129 -15.97 -4.01 17.72
N ILE B 130 -16.10 -3.62 16.46
CA ILE B 130 -15.61 -2.33 16.00
C ILE B 130 -16.77 -1.37 15.80
N VAL B 131 -16.59 -0.12 16.24
CA VAL B 131 -17.51 0.96 15.91
C VAL B 131 -16.73 2.13 15.29
N ASP B 132 -16.91 2.34 14.00
CA ASP B 132 -16.13 3.28 13.21
C ASP B 132 -17.09 4.05 12.31
N SER B 133 -17.47 5.28 12.65
CA SER B 133 -16.99 6.08 13.77
C SER B 133 -17.94 6.06 14.97
N LEU B 134 -17.40 6.10 16.18
CA LEU B 134 -18.26 6.10 17.36
C LEU B 134 -19.10 7.37 17.43
N THR B 135 -18.54 8.48 16.98
CA THR B 135 -19.10 9.79 17.27
C THR B 135 -19.66 10.57 16.08
N SER B 136 -19.37 10.15 14.85
CA SER B 136 -19.68 10.97 13.68
C SER B 136 -21.17 11.33 13.57
N HIS B 137 -22.05 10.35 13.73
CA HIS B 137 -23.50 10.58 13.72
C HIS B 137 -23.94 11.54 14.83
N PHE B 138 -23.40 11.35 16.03
CA PHE B 138 -23.79 12.14 17.20
C PHE B 138 -23.39 13.60 17.00
N ARG B 139 -22.21 13.80 16.43
CA ARG B 139 -21.69 15.12 16.18
C ARG B 139 -22.53 15.89 15.16
N SER B 140 -22.92 15.24 14.07
CA SER B 140 -23.64 15.95 13.02
C SER B 140 -25.11 16.15 13.39
N GLU B 141 -25.68 15.22 14.16
CA GLU B 141 -27.09 15.31 14.50
C GLU B 141 -27.41 16.27 15.66
N TYR B 142 -26.62 16.24 16.72
CA TYR B 142 -26.99 17.00 17.89
C TYR B 142 -26.38 18.40 17.94
N ILE B 143 -26.99 19.34 17.23
CA ILE B 143 -26.54 20.74 17.28
C ILE B 143 -27.72 21.68 17.47
N GLY B 144 -27.46 22.78 18.15
CA GLY B 144 -28.47 23.78 18.44
C GLY B 144 -28.78 23.78 19.91
N ARG B 145 -29.38 24.85 20.40
CA ARG B 145 -29.68 24.99 21.81
C ARG B 145 -30.42 23.78 22.38
N GLY B 146 -29.87 23.20 23.43
CA GLY B 146 -30.47 22.06 24.11
C GLY B 146 -29.90 20.71 23.69
N ALA B 147 -29.16 20.70 22.59
CA ALA B 147 -28.68 19.44 22.01
C ALA B 147 -27.50 18.83 22.75
N LEU B 148 -26.65 19.68 23.34
CA LEU B 148 -25.41 19.18 23.94
C LEU B 148 -25.67 18.19 25.08
N ALA B 149 -26.59 18.54 25.98
CA ALA B 149 -26.96 17.65 27.08
C ALA B 149 -27.59 16.36 26.57
N GLU B 150 -28.39 16.47 25.52
CA GLU B 150 -29.06 15.31 24.95
C GLU B 150 -28.08 14.38 24.25
N ARG B 151 -27.13 14.97 23.54
CA ARG B 151 -26.08 14.21 22.87
C ARG B 151 -25.29 13.39 23.88
N GLN B 152 -24.91 14.03 24.99
CA GLN B 152 -24.08 13.38 25.98
C GLN B 152 -24.82 12.25 26.70
N GLN B 153 -26.13 12.42 26.89
CA GLN B 153 -26.96 11.38 27.52
C GLN B 153 -27.00 10.13 26.66
N LYS B 154 -27.24 10.33 25.37
CA LYS B 154 -27.32 9.23 24.42
C LYS B 154 -25.99 8.53 24.22
N LEU B 155 -24.91 9.32 24.13
CA LEU B 155 -23.58 8.74 23.98
C LEU B 155 -23.25 7.88 25.20
N ALA B 156 -23.58 8.37 26.39
CA ALA B 156 -23.31 7.64 27.62
C ALA B 156 -24.03 6.29 27.67
N LYS B 157 -25.30 6.30 27.27
CA LYS B 157 -26.06 5.07 27.20
C LYS B 157 -25.44 4.10 26.20
N HIS B 158 -25.10 4.63 25.02
CA HIS B 158 -24.44 3.87 23.95
C HIS B 158 -23.15 3.21 24.47
N LEU B 159 -22.29 4.00 25.12
CA LEU B 159 -21.04 3.45 25.66
C LEU B 159 -21.30 2.43 26.77
N ALA B 160 -22.33 2.67 27.59
CA ALA B 160 -22.71 1.73 28.64
C ALA B 160 -23.12 0.38 28.03
N ASP B 161 -23.86 0.44 26.93
CA ASP B 161 -24.25 -0.80 26.24
C ASP B 161 -23.01 -1.52 25.73
N LEU B 162 -22.08 -0.76 25.16
CA LEU B 162 -20.83 -1.33 24.62
C LEU B 162 -19.97 -1.95 25.72
N HIS B 163 -19.85 -1.26 26.85
CA HIS B 163 -19.14 -1.79 28.02
C HIS B 163 -19.72 -3.13 28.50
N ARG B 164 -21.04 -3.23 28.50
CA ARG B 164 -21.71 -4.45 28.93
C ARG B 164 -21.39 -5.62 28.00
N LEU B 165 -21.46 -5.42 26.69
CA LEU B 165 -21.07 -6.48 25.76
C LEU B 165 -19.61 -6.88 25.95
N ALA B 166 -18.73 -5.90 26.10
CA ALA B 166 -17.31 -6.19 26.30
C ALA B 166 -17.11 -7.04 27.56
N ASN B 167 -17.78 -6.66 28.63
CA ASN B 167 -17.51 -7.29 29.92
C ASN B 167 -18.27 -8.60 30.08
N LEU B 168 -19.51 -8.64 29.59
CA LEU B 168 -20.34 -9.82 29.78
C LEU B 168 -19.85 -10.96 28.90
N TYR B 169 -19.37 -10.65 27.70
CA TYR B 169 -19.06 -11.68 26.71
C TYR B 169 -17.56 -11.78 26.38
N ASP B 170 -16.74 -11.06 27.13
CA ASP B 170 -15.28 -11.10 26.99
C ASP B 170 -14.86 -10.71 25.57
N ILE B 171 -15.21 -9.47 25.21
CA ILE B 171 -14.96 -8.92 23.89
C ILE B 171 -14.11 -7.67 23.97
N ALA B 172 -13.20 -7.50 23.01
CA ALA B 172 -12.51 -6.25 22.82
C ALA B 172 -13.39 -5.34 21.98
N VAL B 173 -13.76 -4.19 22.54
CA VAL B 173 -14.51 -3.20 21.79
C VAL B 173 -13.53 -2.12 21.32
N PHE B 174 -13.49 -1.88 20.01
CA PHE B 174 -12.53 -0.93 19.44
C PHE B 174 -13.29 0.16 18.69
N VAL B 175 -13.14 1.41 19.15
CA VAL B 175 -13.88 2.52 18.55
C VAL B 175 -12.98 3.65 18.08
N THR B 176 -13.41 4.34 17.02
CA THR B 176 -12.66 5.46 16.45
C THR B 176 -13.38 6.77 16.69
N ASN B 177 -12.63 7.87 16.73
CA ASN B 177 -13.17 9.18 17.10
C ASN B 177 -12.33 10.24 16.41
N GLN B 178 -12.94 11.00 15.51
CA GLN B 178 -12.18 11.99 14.76
C GLN B 178 -12.10 13.32 15.51
N VAL B 179 -10.88 13.82 15.63
CA VAL B 179 -10.65 15.09 16.31
C VAL B 179 -9.99 16.08 15.36
N SER B 190 -15.08 8.01 29.38
CA SER B 190 -15.94 6.84 29.28
C SER B 190 -15.18 5.60 28.77
N ALA B 191 -14.30 5.79 27.80
CA ALA B 191 -13.43 4.71 27.31
C ALA B 191 -12.53 4.21 28.42
N THR B 192 -12.15 2.95 28.39
CA THR B 192 -11.25 2.49 29.43
C THR B 192 -9.81 2.80 29.01
N LEU B 193 -9.58 2.95 27.70
CA LEU B 193 -8.25 3.34 27.21
C LEU B 193 -8.29 4.24 25.97
N ARG B 194 -7.75 5.45 26.09
CA ARG B 194 -7.72 6.37 24.95
C ARG B 194 -6.34 6.42 24.30
N VAL B 195 -6.30 6.18 22.99
CA VAL B 195 -5.05 6.24 22.25
C VAL B 195 -5.05 7.38 21.23
N TYR B 196 -4.12 8.30 21.40
CA TYR B 196 -3.98 9.43 20.49
C TYR B 196 -3.11 9.03 19.28
N LEU B 197 -3.66 9.14 18.08
CA LEU B 197 -2.95 8.74 16.85
C LEU B 197 -2.73 9.93 15.92
N ARG B 198 -1.55 9.99 15.31
N ARG B 198 -1.55 9.99 15.31
CA ARG B 198 -1.25 11.07 14.37
CA ARG B 198 -1.29 11.04 14.34
C ARG B 198 -0.27 10.63 13.31
C ARG B 198 -0.31 10.59 13.28
N LYS B 199 -0.29 11.34 12.19
CA LYS B 199 0.53 11.03 11.04
C LYS B 199 1.81 11.84 11.13
N GLY B 200 2.96 11.15 11.11
CA GLY B 200 4.25 11.82 11.23
C GLY B 200 5.02 11.79 9.93
N LYS B 201 6.26 12.27 10.01
CA LYS B 201 7.14 12.36 8.84
C LYS B 201 7.45 10.97 8.28
N GLY B 202 7.64 10.88 6.96
CA GLY B 202 7.91 9.61 6.33
C GLY B 202 6.68 8.71 6.30
N GLY B 203 5.52 9.30 6.55
CA GLY B 203 4.28 8.54 6.59
C GLY B 203 4.16 7.67 7.83
N LYS B 204 5.11 7.82 8.75
CA LYS B 204 5.04 7.11 10.03
C LYS B 204 3.76 7.46 10.76
N ARG B 205 3.27 6.53 11.56
CA ARG B 205 2.17 6.85 12.46
C ARG B 205 2.69 6.76 13.88
N ILE B 206 2.23 7.70 14.71
CA ILE B 206 2.70 7.79 16.08
C ILE B 206 1.51 7.70 17.03
N ALA B 207 1.65 6.87 18.06
CA ALA B 207 0.55 6.66 19.00
C ALA B 207 1.03 6.97 20.42
N ARG B 208 0.18 7.66 21.17
CA ARG B 208 0.46 7.94 22.59
C ARG B 208 -0.78 7.62 23.40
N LEU B 209 -0.58 7.07 24.60
CA LEU B 209 -1.68 6.88 25.54
C LEU B 209 -2.01 8.19 26.23
N ILE B 210 -3.30 8.46 26.40
CA ILE B 210 -3.74 9.68 27.07
C ILE B 210 -4.28 9.36 28.45
N ASP B 211 -3.84 10.12 29.46
CA ASP B 211 -4.30 9.98 30.84
C ASP B 211 -4.18 8.53 31.33
N ALA B 212 -3.04 7.91 31.06
CA ALA B 212 -2.80 6.54 31.47
C ALA B 212 -1.55 6.48 32.35
N PRO B 213 -1.64 7.09 33.54
CA PRO B 213 -0.49 7.46 34.38
C PRO B 213 0.47 6.32 34.68
N HIS B 214 -0.06 5.12 34.87
CA HIS B 214 0.77 4.00 35.28
C HIS B 214 0.86 2.95 34.17
N LEU B 215 0.61 3.39 32.94
CA LEU B 215 0.85 2.61 31.75
C LEU B 215 2.02 3.25 31.02
N PRO B 216 2.66 2.52 30.07
CA PRO B 216 3.88 3.06 29.45
C PRO B 216 3.73 4.48 28.90
N GLU B 217 4.58 5.37 29.37
CA GLU B 217 4.70 6.66 28.71
C GLU B 217 5.77 6.48 27.65
N GLY B 218 5.71 7.31 26.63
CA GLY B 218 6.53 7.14 25.45
C GLY B 218 5.55 6.99 24.30
N GLU B 219 6.07 6.82 23.10
CA GLU B 219 5.22 6.71 21.93
C GLU B 219 5.62 5.52 21.09
N ALA B 220 4.61 4.84 20.56
CA ALA B 220 4.81 3.79 19.58
C ALA B 220 4.85 4.42 18.19
N VAL B 221 5.65 3.85 17.30
CA VAL B 221 5.73 4.37 15.94
C VAL B 221 5.67 3.20 14.99
N PHE B 222 4.80 3.28 13.99
CA PHE B 222 4.66 2.21 13.00
C PHE B 222 4.33 2.71 11.59
N SER B 223 4.34 1.78 10.64
CA SER B 223 3.99 2.06 9.26
C SER B 223 2.75 1.27 8.84
N ILE B 224 1.96 1.84 7.93
CA ILE B 224 0.80 1.12 7.39
C ILE B 224 1.26 0.43 6.12
N THR B 225 1.11 -0.89 6.10
CA THR B 225 1.67 -1.69 5.02
C THR B 225 0.66 -2.71 4.52
N GLU B 226 1.10 -3.58 3.60
CA GLU B 226 0.21 -4.61 3.10
C GLU B 226 -0.06 -5.68 4.17
N LYS B 227 0.67 -5.63 5.27
CA LYS B 227 0.48 -6.60 6.36
C LYS B 227 -0.41 -6.04 7.46
N GLY B 228 -0.99 -4.86 7.21
CA GLY B 228 -1.74 -4.14 8.23
C GLY B 228 -0.89 -2.98 8.73
N ILE B 229 -0.30 -3.17 9.91
CA ILE B 229 0.73 -2.26 10.39
C ILE B 229 1.94 -3.08 10.81
N GLU B 230 3.10 -2.43 10.86
CA GLU B 230 4.32 -3.06 11.37
C GLU B 230 5.36 -1.97 11.64
N ASP B 231 6.37 -2.30 12.45
CA ASP B 231 7.34 -1.31 12.86
C ASP B 231 8.35 -0.99 11.77
N PHE C 2 -5.88 5.07 -14.97
CA PHE C 2 -4.75 5.56 -14.20
C PHE C 2 -5.19 6.56 -13.14
N HIS C 3 -4.54 6.52 -11.98
CA HIS C 3 -4.88 7.42 -10.88
C HIS C 3 -3.64 8.13 -10.34
N THR C 4 -3.82 9.40 -9.98
CA THR C 4 -2.73 10.19 -9.42
C THR C 4 -2.18 9.56 -8.16
N GLY C 5 -0.85 9.53 -8.04
CA GLY C 5 -0.20 9.13 -6.81
C GLY C 5 -0.39 7.70 -6.34
N PHE D 2 -26.79 -7.47 10.57
CA PHE D 2 -25.41 -7.74 10.19
C PHE D 2 -25.32 -8.77 9.07
N HIS D 3 -24.34 -8.61 8.18
CA HIS D 3 -24.13 -9.59 7.11
C HIS D 3 -22.66 -9.99 7.01
N THR D 4 -22.44 -11.27 6.74
CA THR D 4 -21.09 -11.81 6.61
C THR D 4 -20.37 -11.23 5.39
N GLY D 5 -19.08 -10.95 5.54
CA GLY D 5 -18.29 -10.40 4.45
C GLY D 5 -17.90 -8.94 4.66
#